data_7SZW
#
_entry.id   7SZW
#
_cell.length_a   44.710
_cell.length_b   57.366
_cell.length_c   60.749
_cell.angle_alpha   90.000
_cell.angle_beta   110.831
_cell.angle_gamma   90.000
#
_symmetry.space_group_name_H-M   'P 1 21 1'
#
loop_
_entity.id
_entity.type
_entity.pdbx_description
1 polymer 'Tyrosine-protein kinase JAK2'
2 non-polymer '4-(4-{[5-amino-3-(4-sulfamoylanilino)-1H-1,2,4-triazole-1-carbonyl]amino}phenyl)pyridine-2-carboxylic acid'
3 water water
#
_entity_poly.entity_id   1
_entity_poly.type   'polypeptide(L)'
_entity_poly.pdbx_seq_one_letter_code
;VFHKIRNEDLIFNESLGQGTFTKIFKGVRREVGDYGQLHETEVLLKVLDKAHRNYSESFFEAASMMSKLSHKHLVLNYGV
CVCGDENILVQEFVKFGSLDTYLKKNKNCINILWKLEVAKQLAAAMHFLEENTLIHGNVCAKNILLIREEDRKTGNPPFI
KLSDPGISITVLPKDILQERIPWVPPECIENPKNLNLATDKWSFGTTLWEICSGGDKPLSALDSQRKLQFYEDRHQLPAP
KAAELANLINNCMDYEPDHRPSFRAIIRDLNSLFTPDLVPRGSHHHHHH
;
_entity_poly.pdbx_strand_id   A
#
# COMPACT_ATOMS: atom_id res chain seq x y z
N PHE A 2 -17.05 2.30 11.04
CA PHE A 2 -16.99 3.35 10.03
C PHE A 2 -18.26 4.22 10.02
N HIS A 3 -18.08 5.52 9.83
CA HIS A 3 -19.21 6.41 9.58
C HIS A 3 -19.92 6.02 8.30
N LYS A 4 -21.25 5.97 8.36
CA LYS A 4 -22.06 5.60 7.20
C LYS A 4 -22.43 6.85 6.42
N ILE A 5 -22.12 6.86 5.13
CA ILE A 5 -22.40 7.97 4.23
C ILE A 5 -23.49 7.55 3.26
N ARG A 6 -24.46 8.43 3.04
CA ARG A 6 -25.58 8.12 2.15
C ARG A 6 -25.14 8.15 0.69
N ASN A 7 -25.70 7.25 -0.11
CA ASN A 7 -25.37 7.27 -1.53
C ASN A 7 -25.75 8.60 -2.17
N GLU A 8 -26.83 9.24 -1.69
CA GLU A 8 -27.28 10.50 -2.25
C GLU A 8 -26.23 11.60 -2.11
N ASP A 9 -25.31 11.46 -1.17
CA ASP A 9 -24.31 12.49 -0.95
C ASP A 9 -23.01 12.22 -1.71
N LEU A 10 -22.98 11.16 -2.52
CA LEU A 10 -21.80 10.78 -3.29
C LEU A 10 -22.09 10.93 -4.78
N ILE A 11 -21.15 11.50 -5.51
CA ILE A 11 -21.21 11.59 -6.97
C ILE A 11 -19.98 10.87 -7.51
N PHE A 12 -20.20 9.86 -8.34
CA PHE A 12 -19.07 9.15 -8.95
C PHE A 12 -18.60 9.88 -10.20
N ASN A 13 -17.30 10.14 -10.30
CA ASN A 13 -16.74 10.63 -11.56
C ASN A 13 -15.74 9.64 -12.15
N GLU A 14 -14.57 10.09 -12.59
CA GLU A 14 -13.79 9.27 -13.52
C GLU A 14 -13.23 8.01 -12.87
N SER A 15 -13.11 6.96 -13.66
CA SER A 15 -12.47 5.76 -13.17
C SER A 15 -10.98 6.02 -13.00
N LEU A 16 -10.41 5.50 -11.90
CA LEU A 16 -8.98 5.58 -11.70
C LEU A 16 -8.35 4.19 -11.62
N GLY A 17 -8.99 3.21 -12.22
CA GLY A 17 -8.41 1.89 -12.34
C GLY A 17 -9.23 0.87 -11.58
N GLN A 18 -8.61 -0.28 -11.35
CA GLN A 18 -9.25 -1.34 -10.59
C GLN A 18 -8.21 -2.03 -9.72
N GLY A 19 -8.68 -2.60 -8.62
CA GLY A 19 -7.83 -3.39 -7.75
C GLY A 19 -8.32 -4.82 -7.72
N THR A 20 -7.95 -5.55 -6.66
CA THR A 20 -8.38 -6.93 -6.50
C THR A 20 -9.85 -6.94 -6.13
N PHE A 21 -10.70 -7.32 -7.09
CA PHE A 21 -12.15 -7.39 -6.90
C PHE A 21 -12.73 -6.02 -6.55
N THR A 22 -12.05 -4.94 -6.91
CA THR A 22 -12.54 -3.60 -6.65
C THR A 22 -12.36 -2.75 -7.90
N LYS A 23 -13.17 -1.69 -7.99
CA LYS A 23 -13.00 -0.63 -8.97
C LYS A 23 -12.84 0.71 -8.25
N ILE A 24 -12.01 1.58 -8.81
CA ILE A 24 -11.58 2.82 -8.15
C ILE A 24 -12.12 4.01 -8.94
N PHE A 25 -12.69 5.00 -8.25
CA PHE A 25 -13.22 6.19 -8.90
C PHE A 25 -12.89 7.46 -8.12
N LYS A 26 -12.62 8.54 -8.85
CA LYS A 26 -12.66 9.86 -8.25
C LYS A 26 -14.13 10.23 -8.00
N GLY A 27 -14.39 10.93 -6.90
CA GLY A 27 -15.76 11.24 -6.59
C GLY A 27 -15.85 12.56 -5.85
N VAL A 28 -17.08 12.98 -5.57
CA VAL A 28 -17.35 14.14 -4.73
C VAL A 28 -18.36 13.74 -3.65
N ARG A 29 -18.09 14.15 -2.41
CA ARG A 29 -19.02 13.94 -1.31
C ARG A 29 -19.55 15.29 -0.84
N ARG A 30 -20.87 15.42 -0.85
CA ARG A 30 -21.52 16.56 -0.24
C ARG A 30 -21.66 16.32 1.26
N GLU A 31 -21.17 17.25 2.06
CA GLU A 31 -21.18 17.04 3.50
C GLU A 31 -21.32 18.36 4.22
N VAL A 32 -21.81 18.28 5.44
CA VAL A 32 -21.73 19.40 6.38
C VAL A 32 -20.44 19.24 7.16
N GLY A 33 -19.57 20.24 7.09
CA GLY A 33 -18.29 20.23 7.76
C GLY A 33 -18.30 21.03 9.06
N ASP A 34 -17.10 21.42 9.47
CA ASP A 34 -16.96 22.18 10.71
C ASP A 34 -17.75 23.48 10.62
N TYR A 35 -18.26 23.91 11.78
CA TYR A 35 -19.06 25.13 11.91
C TYR A 35 -20.35 25.07 11.10
N GLY A 36 -20.75 23.88 10.68
CA GLY A 36 -21.95 23.75 9.87
C GLY A 36 -21.81 24.18 8.42
N GLN A 37 -20.59 24.42 7.96
CA GLN A 37 -20.39 24.83 6.57
C GLN A 37 -20.62 23.65 5.64
N LEU A 38 -21.30 23.93 4.53
CA LEU A 38 -21.50 22.91 3.50
C LEU A 38 -20.27 22.82 2.62
N HIS A 39 -19.84 21.60 2.33
CA HIS A 39 -18.66 21.33 1.52
C HIS A 39 -19.00 20.34 0.41
N GLU A 40 -18.28 20.46 -0.69
CA GLU A 40 -18.28 19.44 -1.75
C GLU A 40 -16.83 19.00 -1.88
N THR A 41 -16.53 17.84 -1.32
CA THR A 41 -15.15 17.41 -1.07
C THR A 41 -14.77 16.32 -2.06
N GLU A 42 -13.60 16.46 -2.67
CA GLU A 42 -13.12 15.39 -3.54
C GLU A 42 -12.80 14.17 -2.70
N VAL A 43 -13.21 13.00 -3.19
CA VAL A 43 -12.98 11.74 -2.47
C VAL A 43 -12.50 10.69 -3.46
N LEU A 44 -11.86 9.66 -2.91
CA LEU A 44 -11.53 8.45 -3.66
C LEU A 44 -12.53 7.38 -3.23
N LEU A 45 -13.21 6.77 -4.20
CA LEU A 45 -14.22 5.77 -3.93
C LEU A 45 -13.69 4.41 -4.38
N LYS A 46 -13.59 3.47 -3.44
CA LYS A 46 -13.18 2.11 -3.76
C LYS A 46 -14.42 1.23 -3.67
N VAL A 47 -14.82 0.63 -4.78
CA VAL A 47 -16.10 -0.08 -4.90
C VAL A 47 -15.82 -1.57 -5.05
N LEU A 48 -16.36 -2.35 -4.12
CA LEU A 48 -16.24 -3.80 -4.22
C LEU A 48 -17.14 -4.32 -5.34
N ASP A 49 -16.57 -5.12 -6.24
CA ASP A 49 -17.35 -5.71 -7.33
C ASP A 49 -18.60 -6.38 -6.77
N LYS A 50 -19.74 -6.12 -7.41
CA LYS A 50 -21.00 -6.70 -6.94
C LYS A 50 -20.95 -8.22 -7.00
N ALA A 51 -20.27 -8.77 -8.00
CA ALA A 51 -20.16 -10.23 -8.12
C ALA A 51 -19.34 -10.85 -6.99
N HIS A 52 -18.52 -10.07 -6.29
CA HIS A 52 -17.66 -10.57 -5.22
C HIS A 52 -18.11 -10.07 -3.86
N ARG A 53 -19.43 -9.95 -3.66
CA ARG A 53 -19.98 -9.40 -2.43
C ARG A 53 -19.59 -10.21 -1.19
N ASN A 54 -19.16 -11.46 -1.37
CA ASN A 54 -18.77 -12.29 -0.22
C ASN A 54 -17.42 -11.90 0.37
N TYR A 55 -16.63 -11.06 -0.31
CA TYR A 55 -15.38 -10.54 0.24
C TYR A 55 -15.57 -9.22 0.98
N SER A 56 -16.81 -8.78 1.18
CA SER A 56 -17.03 -7.43 1.71
C SER A 56 -16.45 -7.30 3.11
N GLU A 57 -16.70 -8.30 3.96
CA GLU A 57 -16.17 -8.28 5.32
C GLU A 57 -14.66 -8.09 5.33
N SER A 58 -13.94 -8.87 4.52
CA SER A 58 -12.48 -8.76 4.52
C SER A 58 -12.03 -7.40 4.01
N PHE A 59 -12.61 -6.87 2.94
N PHE A 59 -12.73 -6.89 2.99
CA PHE A 59 -12.09 -5.58 2.51
CA PHE A 59 -12.48 -5.64 2.29
C PHE A 59 -12.29 -4.53 3.60
C PHE A 59 -12.59 -4.43 3.20
N PHE A 60 -13.46 -4.50 4.21
CA PHE A 60 -13.73 -3.42 5.16
C PHE A 60 -13.05 -3.59 6.51
N GLU A 61 -12.79 -4.84 6.94
CA GLU A 61 -12.28 -5.07 8.28
C GLU A 61 -10.89 -4.47 8.46
N ALA A 62 -9.97 -4.80 7.54
CA ALA A 62 -8.61 -4.30 7.66
C ALA A 62 -8.56 -2.78 7.52
N ALA A 63 -9.29 -2.23 6.54
CA ALA A 63 -9.44 -0.78 6.44
C ALA A 63 -9.94 -0.19 7.75
N SER A 64 -10.92 -0.85 8.38
CA SER A 64 -11.47 -0.39 9.64
C SER A 64 -10.42 -0.40 10.74
N MET A 65 -9.73 -1.53 10.90
CA MET A 65 -8.76 -1.64 11.99
C MET A 65 -7.65 -0.61 11.86
N MET A 66 -7.20 -0.33 10.64
N MET A 66 -7.19 -0.35 10.63
CA MET A 66 -6.18 0.69 10.47
CA MET A 66 -6.19 0.68 10.38
C MET A 66 -6.74 2.09 10.73
C MET A 66 -6.73 2.06 10.71
N SER A 67 -7.99 2.33 10.33
CA SER A 67 -8.59 3.65 10.57
C SER A 67 -8.83 3.94 12.04
N LYS A 68 -8.89 2.92 12.90
CA LYS A 68 -8.90 3.16 14.34
C LYS A 68 -7.59 3.74 14.86
N LEU A 69 -6.55 3.82 14.04
CA LEU A 69 -5.25 4.38 14.43
C LEU A 69 -4.93 5.55 13.52
N SER A 70 -5.08 6.76 14.03
CA SER A 70 -4.76 7.96 13.27
C SER A 70 -3.25 8.15 13.23
N HIS A 71 -2.69 8.44 12.05
CA HIS A 71 -1.26 8.71 11.91
C HIS A 71 -1.03 9.53 10.65
N LYS A 72 -0.04 10.43 10.70
CA LYS A 72 0.16 11.33 9.57
C LYS A 72 0.53 10.59 8.29
N HIS A 73 1.07 9.38 8.37
CA HIS A 73 1.47 8.60 7.20
C HIS A 73 0.50 7.48 6.87
N LEU A 74 -0.70 7.49 7.44
CA LEU A 74 -1.74 6.52 7.12
C LEU A 74 -2.94 7.24 6.51
N VAL A 75 -3.47 6.68 5.42
CA VAL A 75 -4.50 7.33 4.64
C VAL A 75 -5.76 7.54 5.49
N LEU A 76 -6.46 8.65 5.24
CA LEU A 76 -7.70 8.93 5.95
C LEU A 76 -8.87 8.29 5.21
N ASN A 77 -9.67 7.51 5.93
CA ASN A 77 -10.96 7.05 5.43
C ASN A 77 -12.07 7.86 6.09
N TYR A 78 -12.97 8.38 5.26
CA TYR A 78 -14.09 9.18 5.76
C TYR A 78 -15.24 8.29 6.23
N GLY A 79 -15.40 7.12 5.65
CA GLY A 79 -16.52 6.28 5.99
C GLY A 79 -16.80 5.29 4.89
N VAL A 80 -17.97 4.68 4.97
CA VAL A 80 -18.39 3.71 3.97
C VAL A 80 -19.79 4.06 3.49
N CYS A 81 -20.11 3.64 2.27
CA CYS A 81 -21.47 3.69 1.76
C CYS A 81 -21.90 2.26 1.46
N VAL A 82 -22.91 1.79 2.19
CA VAL A 82 -23.46 0.45 2.02
C VAL A 82 -24.95 0.51 1.71
N CYS A 83 -25.42 1.65 1.18
CA CYS A 83 -26.77 1.72 0.65
C CYS A 83 -26.93 0.73 -0.49
N GLY A 84 -28.14 0.17 -0.61
CA GLY A 84 -28.41 -0.68 -1.75
C GLY A 84 -27.50 -1.87 -1.80
N ASP A 85 -27.00 -2.18 -3.00
CA ASP A 85 -26.18 -3.35 -3.26
C ASP A 85 -24.70 -3.03 -3.37
N GLU A 86 -24.27 -1.87 -2.88
CA GLU A 86 -22.90 -1.43 -3.03
C GLU A 86 -22.16 -1.54 -1.71
N ASN A 87 -20.86 -1.85 -1.81
CA ASN A 87 -19.95 -1.74 -0.69
C ASN A 87 -18.85 -0.79 -1.14
N ILE A 88 -18.85 0.44 -0.60
CA ILE A 88 -17.95 1.49 -1.05
C ILE A 88 -17.16 2.01 0.13
N LEU A 89 -15.85 2.11 -0.03
CA LEU A 89 -14.98 2.80 0.90
C LEU A 89 -14.80 4.22 0.42
N VAL A 90 -15.06 5.20 1.30
CA VAL A 90 -14.94 6.62 0.96
C VAL A 90 -13.68 7.15 1.64
N GLN A 91 -12.67 7.46 0.83
CA GLN A 91 -11.33 7.73 1.27
C GLN A 91 -10.88 9.11 0.79
N GLU A 92 -9.94 9.70 1.52
CA GLU A 92 -9.37 10.98 1.11
C GLU A 92 -8.78 10.88 -0.29
N PHE A 93 -8.93 11.95 -1.05
CA PHE A 93 -8.39 11.98 -2.39
C PHE A 93 -7.00 12.59 -2.33
N VAL A 94 -5.99 11.79 -2.67
CA VAL A 94 -4.59 12.19 -2.63
C VAL A 94 -4.23 12.75 -3.99
N LYS A 95 -3.69 13.96 -4.01
CA LYS A 95 -3.54 14.70 -5.27
C LYS A 95 -2.74 13.93 -6.32
N PHE A 96 -1.62 13.30 -5.94
CA PHE A 96 -0.71 12.74 -6.95
C PHE A 96 -0.83 11.23 -7.12
N GLY A 97 -1.79 10.59 -6.45
CA GLY A 97 -2.06 9.18 -6.68
C GLY A 97 -0.98 8.23 -6.17
N SER A 98 -0.98 7.03 -6.77
CA SER A 98 -0.12 5.93 -6.36
C SER A 98 1.33 6.19 -6.77
N LEU A 99 2.26 5.69 -5.94
CA LEU A 99 3.67 5.98 -6.16
C LEU A 99 4.24 5.20 -7.34
N ASP A 100 3.74 3.99 -7.62
CA ASP A 100 4.34 3.22 -8.70
C ASP A 100 4.23 3.97 -10.03
N THR A 101 3.07 4.57 -10.32
CA THR A 101 2.98 5.28 -11.59
C THR A 101 3.81 6.55 -11.55
N TYR A 102 3.93 7.17 -10.39
CA TYR A 102 4.71 8.39 -10.25
C TYR A 102 6.20 8.13 -10.48
N LEU A 103 6.70 7.00 -9.95
CA LEU A 103 8.10 6.65 -10.13
C LEU A 103 8.44 6.49 -11.61
N LYS A 104 7.53 5.90 -12.38
CA LYS A 104 7.77 5.72 -13.81
C LYS A 104 7.76 7.06 -14.52
N LYS A 105 6.75 7.90 -14.26
CA LYS A 105 6.59 9.15 -14.99
C LYS A 105 7.62 10.19 -14.62
N ASN A 106 8.39 9.99 -13.55
CA ASN A 106 9.39 10.97 -13.13
C ASN A 106 10.74 10.32 -12.89
N LYS A 107 11.01 9.16 -13.50
CA LYS A 107 12.26 8.44 -13.28
C LYS A 107 13.47 9.34 -13.48
N ASN A 108 13.48 10.12 -14.57
CA ASN A 108 14.61 10.99 -14.88
C ASN A 108 14.59 12.27 -14.04
N CYS A 109 13.93 12.22 -12.88
CA CYS A 109 13.90 13.36 -11.98
C CYS A 109 13.96 12.97 -10.51
N ILE A 110 14.02 11.68 -10.20
CA ILE A 110 13.95 11.19 -8.83
C ILE A 110 15.34 10.67 -8.44
N ASN A 111 15.98 11.32 -7.47
CA ASN A 111 17.33 10.96 -7.07
C ASN A 111 17.33 10.14 -5.77
N ILE A 112 18.53 9.83 -5.29
CA ILE A 112 18.64 8.92 -4.15
C ILE A 112 18.10 9.58 -2.89
N LEU A 113 18.25 10.91 -2.74
CA LEU A 113 17.71 11.58 -1.56
C LEU A 113 16.19 11.52 -1.53
N TRP A 114 15.54 11.68 -2.69
CA TRP A 114 14.09 11.52 -2.76
C TRP A 114 13.68 10.11 -2.37
N LYS A 115 14.39 9.11 -2.90
CA LYS A 115 14.08 7.72 -2.55
C LYS A 115 14.27 7.47 -1.06
N LEU A 116 15.34 8.00 -0.49
CA LEU A 116 15.63 7.75 0.92
C LEU A 116 14.58 8.42 1.82
N GLU A 117 14.10 9.61 1.42
CA GLU A 117 13.08 10.28 2.21
C GLU A 117 11.75 9.52 2.17
N VAL A 118 11.35 9.04 0.99
CA VAL A 118 10.14 8.23 0.87
C VAL A 118 10.30 6.92 1.61
N ALA A 119 11.50 6.34 1.56
CA ALA A 119 11.75 5.10 2.30
C ALA A 119 11.66 5.33 3.81
N LYS A 120 12.23 6.43 4.31
CA LYS A 120 12.15 6.76 5.73
C LYS A 120 10.70 6.96 6.17
N GLN A 121 9.90 7.64 5.35
CA GLN A 121 8.51 7.88 5.72
C GLN A 121 7.72 6.59 5.73
N LEU A 122 7.92 5.73 4.72
CA LEU A 122 7.22 4.44 4.74
C LEU A 122 7.63 3.63 5.97
N ALA A 123 8.92 3.61 6.30
CA ALA A 123 9.36 2.87 7.49
C ALA A 123 8.73 3.44 8.75
N ALA A 124 8.56 4.75 8.80
CA ALA A 124 7.93 5.36 9.96
C ALA A 124 6.50 4.87 10.13
N ALA A 125 5.74 4.81 9.03
CA ALA A 125 4.38 4.30 9.09
C ALA A 125 4.37 2.83 9.54
N MET A 126 5.29 2.04 9.02
CA MET A 126 5.35 0.62 9.38
C MET A 126 5.82 0.41 10.82
N HIS A 127 6.73 1.26 11.30
CA HIS A 127 7.09 1.20 12.71
C HIS A 127 5.87 1.46 13.60
N PHE A 128 5.07 2.47 13.24
CA PHE A 128 3.85 2.76 13.97
C PHE A 128 2.92 1.56 14.00
N LEU A 129 2.74 0.91 12.84
CA LEU A 129 1.89 -0.27 12.78
C LEU A 129 2.48 -1.40 13.60
N GLU A 130 3.79 -1.62 13.48
CA GLU A 130 4.45 -2.67 14.24
C GLU A 130 4.28 -2.47 15.74
N GLU A 131 4.51 -1.25 16.22
CA GLU A 131 4.32 -0.95 17.64
C GLU A 131 2.89 -1.18 18.08
N ASN A 132 1.93 -1.04 17.17
CA ASN A 132 0.53 -1.33 17.45
C ASN A 132 0.14 -2.76 17.10
N THR A 133 1.13 -3.60 16.79
CA THR A 133 0.91 -4.98 16.37
C THR A 133 -0.24 -5.12 15.37
N LEU A 134 -0.29 -4.24 14.38
CA LEU A 134 -1.29 -4.31 13.31
C LEU A 134 -0.59 -4.68 12.00
N ILE A 135 -1.03 -5.77 11.40
CA ILE A 135 -0.47 -6.26 10.14
C ILE A 135 -1.15 -5.55 8.98
N HIS A 136 -0.36 -5.02 8.05
CA HIS A 136 -0.94 -4.42 6.85
C HIS A 136 -1.31 -5.48 5.82
N GLY A 137 -0.31 -6.25 5.37
CA GLY A 137 -0.56 -7.40 4.53
C GLY A 137 -0.43 -7.15 3.03
N ASN A 138 -0.34 -5.89 2.61
CA ASN A 138 -0.18 -5.58 1.19
C ASN A 138 0.64 -4.30 1.00
N VAL A 139 1.82 -4.25 1.59
CA VAL A 139 2.73 -3.13 1.36
C VAL A 139 3.32 -3.26 -0.04
N CYS A 140 3.06 -2.25 -0.87
CA CYS A 140 3.59 -2.21 -2.23
C CYS A 140 3.57 -0.75 -2.67
N ALA A 141 4.30 -0.45 -3.75
CA ALA A 141 4.36 0.93 -4.21
C ALA A 141 3.00 1.45 -4.66
N LYS A 142 2.14 0.58 -5.22
CA LYS A 142 0.81 1.03 -5.60
C LYS A 142 -0.01 1.47 -4.38
N ASN A 143 0.33 0.97 -3.21
CA ASN A 143 -0.34 1.36 -1.98
C ASN A 143 0.36 2.51 -1.26
N ILE A 144 1.35 3.15 -1.88
CA ILE A 144 1.93 4.38 -1.36
C ILE A 144 1.34 5.56 -2.12
N LEU A 145 0.70 6.48 -1.41
CA LEU A 145 0.05 7.63 -2.02
C LEU A 145 0.90 8.86 -1.80
N LEU A 146 1.01 9.68 -2.84
CA LEU A 146 1.90 10.85 -2.84
C LEU A 146 1.05 12.08 -2.61
N ILE A 147 1.14 12.62 -1.38
CA ILE A 147 0.37 13.77 -0.94
C ILE A 147 0.96 15.06 -1.50
N ARG A 148 2.28 15.18 -1.47
CA ARG A 148 2.97 16.40 -1.80
C ARG A 148 4.24 16.07 -2.56
N GLU A 149 4.49 16.80 -3.64
CA GLU A 149 5.74 16.57 -4.35
C GLU A 149 6.88 17.26 -3.61
N GLU A 150 8.10 16.81 -3.89
CA GLU A 150 9.27 17.53 -3.42
C GLU A 150 9.32 18.91 -4.05
N ASP A 151 9.82 19.88 -3.29
CA ASP A 151 9.98 21.26 -3.75
C ASP A 151 11.37 21.69 -3.34
N ARG A 152 12.35 21.43 -4.21
CA ARG A 152 13.72 21.88 -3.98
C ARG A 152 13.79 23.40 -3.80
N LYS A 153 12.83 24.15 -4.33
CA LYS A 153 12.85 25.60 -4.16
C LYS A 153 12.65 25.99 -2.70
N THR A 154 11.68 25.37 -2.02
CA THR A 154 11.44 25.66 -0.61
C THR A 154 11.92 24.54 0.31
N GLY A 155 12.80 23.67 -0.17
CA GLY A 155 13.34 22.61 0.64
C GLY A 155 12.33 21.60 1.16
N ASN A 156 11.11 21.59 0.62
CA ASN A 156 10.08 20.68 1.10
C ASN A 156 10.34 19.27 0.55
N PRO A 157 10.41 18.26 1.41
CA PRO A 157 10.54 16.90 0.90
C PRO A 157 9.20 16.41 0.37
N PRO A 158 9.18 15.32 -0.40
CA PRO A 158 7.88 14.72 -0.73
C PRO A 158 7.22 14.19 0.54
N PHE A 159 5.92 13.96 0.48
CA PHE A 159 5.19 13.43 1.62
C PHE A 159 4.26 12.33 1.15
N ILE A 160 4.30 11.18 1.82
CA ILE A 160 3.53 10.02 1.39
C ILE A 160 2.65 9.53 2.52
N LYS A 161 1.61 8.79 2.15
CA LYS A 161 0.79 8.04 3.09
C LYS A 161 0.64 6.62 2.58
N LEU A 162 0.42 5.69 3.52
CA LEU A 162 0.17 4.30 3.17
C LEU A 162 -1.33 4.05 3.07
N SER A 163 -1.75 3.43 1.97
CA SER A 163 -3.17 3.23 1.70
C SER A 163 -3.67 1.99 2.44
N ASP A 164 -4.96 1.71 2.33
CA ASP A 164 -5.59 0.64 3.08
C ASP A 164 -5.18 -0.72 2.52
N PRO A 165 -5.26 -1.78 3.33
CA PRO A 165 -4.69 -3.06 2.91
C PRO A 165 -5.44 -3.74 1.77
N GLY A 166 -6.74 -3.52 1.65
CA GLY A 166 -7.54 -4.31 0.73
C GLY A 166 -7.86 -5.68 1.31
N ILE A 167 -8.46 -6.53 0.47
CA ILE A 167 -8.85 -7.86 0.92
C ILE A 167 -7.62 -8.63 1.41
N SER A 168 -7.77 -9.32 2.53
CA SER A 168 -6.64 -10.02 3.13
C SER A 168 -6.17 -11.17 2.25
N ILE A 169 -4.84 -11.37 2.20
CA ILE A 169 -4.32 -12.56 1.52
C ILE A 169 -4.72 -13.85 2.22
N THR A 170 -5.27 -13.76 3.43
CA THR A 170 -5.78 -14.95 4.10
C THR A 170 -7.12 -15.42 3.56
N VAL A 171 -7.76 -14.67 2.65
CA VAL A 171 -8.97 -15.14 1.99
C VAL A 171 -8.88 -15.07 0.47
N LEU A 172 -7.77 -14.64 -0.10
CA LEU A 172 -7.78 -14.53 -1.55
C LEU A 172 -7.49 -15.88 -2.20
N PRO A 173 -7.94 -16.06 -3.44
CA PRO A 173 -7.59 -17.29 -4.19
C PRO A 173 -6.09 -17.46 -4.30
N LYS A 174 -5.65 -18.72 -4.32
CA LYS A 174 -4.22 -19.01 -4.36
C LYS A 174 -3.57 -18.46 -5.63
N ASP A 175 -4.30 -18.40 -6.75
CA ASP A 175 -3.67 -17.90 -7.96
C ASP A 175 -3.42 -16.39 -7.89
N ILE A 176 -4.21 -15.67 -7.10
CA ILE A 176 -3.96 -14.25 -6.92
C ILE A 176 -2.73 -14.05 -6.04
N LEU A 177 -2.59 -14.89 -5.01
CA LEU A 177 -1.42 -14.80 -4.14
C LEU A 177 -0.14 -15.12 -4.92
N GLN A 178 -0.20 -16.10 -5.82
CA GLN A 178 0.97 -16.41 -6.62
C GLN A 178 1.33 -15.27 -7.54
N GLU A 179 0.31 -14.58 -8.09
CA GLU A 179 0.57 -13.40 -8.91
C GLU A 179 1.22 -12.28 -8.12
N ARG A 180 1.00 -12.25 -6.80
CA ARG A 180 1.56 -11.20 -5.97
C ARG A 180 2.93 -11.55 -5.40
N ILE A 181 3.51 -12.65 -5.83
CA ILE A 181 4.95 -12.84 -5.60
C ILE A 181 5.70 -11.78 -6.40
N PRO A 182 6.75 -11.13 -5.86
CA PRO A 182 7.42 -11.31 -4.57
C PRO A 182 7.01 -10.34 -3.45
N TRP A 183 5.80 -9.76 -3.52
CA TRP A 183 5.31 -8.97 -2.39
C TRP A 183 4.80 -9.87 -1.28
N VAL A 184 4.09 -10.94 -1.64
CA VAL A 184 3.65 -11.94 -0.68
C VAL A 184 4.83 -12.80 -0.28
N PRO A 185 5.12 -12.95 1.01
CA PRO A 185 6.34 -13.64 1.42
C PRO A 185 6.25 -15.14 1.23
N PRO A 186 7.39 -15.82 1.13
CA PRO A 186 7.40 -17.29 0.96
C PRO A 186 6.54 -18.04 1.96
N GLU A 187 6.58 -17.65 3.24
CA GLU A 187 5.82 -18.40 4.23
C GLU A 187 4.33 -18.28 3.99
N CYS A 188 3.89 -17.18 3.35
CA CYS A 188 2.47 -17.02 3.08
C CYS A 188 2.03 -17.74 1.82
N ILE A 189 2.96 -17.96 0.87
CA ILE A 189 2.68 -18.85 -0.24
C ILE A 189 2.53 -20.29 0.26
N GLU A 190 3.39 -20.72 1.19
CA GLU A 190 3.24 -22.05 1.76
C GLU A 190 1.95 -22.16 2.55
N ASN A 191 1.60 -21.12 3.31
CA ASN A 191 0.41 -21.13 4.15
C ASN A 191 -0.05 -19.69 4.37
N PRO A 192 -1.12 -19.26 3.70
CA PRO A 192 -1.59 -17.87 3.88
C PRO A 192 -1.90 -17.53 5.32
N LYS A 193 -2.23 -18.53 6.15
CA LYS A 193 -2.42 -18.32 7.59
C LYS A 193 -1.10 -18.05 8.33
N ASN A 194 0.04 -18.06 7.65
CA ASN A 194 1.27 -17.57 8.24
C ASN A 194 1.39 -16.06 8.19
N LEU A 195 0.31 -15.35 7.85
CA LEU A 195 0.34 -13.89 7.86
C LEU A 195 0.67 -13.39 9.26
N ASN A 196 1.69 -12.54 9.35
CA ASN A 196 2.31 -12.18 10.63
C ASN A 196 2.92 -10.79 10.47
N LEU A 197 3.34 -10.18 11.59
CA LEU A 197 4.06 -8.92 11.47
C LEU A 197 5.26 -9.07 10.53
N ALA A 198 5.93 -10.24 10.60
CA ALA A 198 7.09 -10.45 9.74
C ALA A 198 6.75 -10.34 8.26
N THR A 199 5.50 -10.62 7.89
CA THR A 199 5.08 -10.48 6.50
C THR A 199 5.39 -9.08 5.96
N ASP A 200 5.07 -8.05 6.75
CA ASP A 200 5.21 -6.70 6.24
C ASP A 200 6.67 -6.29 6.07
N LYS A 201 7.58 -6.87 6.85
CA LYS A 201 9.00 -6.58 6.65
C LYS A 201 9.46 -7.09 5.28
N TRP A 202 9.01 -8.28 4.89
CA TRP A 202 9.38 -8.77 3.55
C TRP A 202 8.82 -7.87 2.45
N SER A 203 7.52 -7.54 2.52
CA SER A 203 6.91 -6.70 1.49
C SER A 203 7.50 -5.30 1.48
N PHE A 204 7.87 -4.77 2.65
CA PHE A 204 8.57 -3.51 2.70
C PHE A 204 9.85 -3.57 1.86
N GLY A 205 10.60 -4.66 1.96
CA GLY A 205 11.77 -4.82 1.12
C GLY A 205 11.42 -4.79 -0.36
N THR A 206 10.38 -5.54 -0.76
CA THR A 206 9.95 -5.54 -2.15
C THR A 206 9.56 -4.13 -2.58
N THR A 207 8.95 -3.38 -1.67
CA THR A 207 8.51 -2.02 -1.99
C THR A 207 9.69 -1.08 -2.16
N LEU A 208 10.73 -1.23 -1.32
CA LEU A 208 11.95 -0.46 -1.54
C LEU A 208 12.55 -0.77 -2.90
N TRP A 209 12.49 -2.04 -3.31
CA TRP A 209 13.00 -2.39 -4.62
C TRP A 209 12.25 -1.62 -5.71
N GLU A 210 10.92 -1.56 -5.60
CA GLU A 210 10.14 -0.77 -6.56
C GLU A 210 10.58 0.69 -6.56
N ILE A 211 10.68 1.28 -5.37
CA ILE A 211 11.04 2.69 -5.22
C ILE A 211 12.37 2.98 -5.90
N CYS A 212 13.28 2.02 -5.86
CA CYS A 212 14.60 2.16 -6.45
C CYS A 212 14.63 1.80 -7.94
N SER A 213 13.54 1.25 -8.49
CA SER A 213 13.58 0.70 -9.84
C SER A 213 12.67 1.45 -10.82
N GLY A 214 12.40 2.72 -10.54
CA GLY A 214 11.69 3.54 -11.51
C GLY A 214 10.32 3.01 -11.90
N GLY A 215 9.65 2.29 -11.02
CA GLY A 215 8.32 1.80 -11.30
C GLY A 215 8.24 0.40 -11.86
N ASP A 216 9.37 -0.19 -12.26
CA ASP A 216 9.41 -1.60 -12.65
C ASP A 216 8.81 -2.48 -11.57
N LYS A 217 8.21 -3.59 -12.01
CA LYS A 217 7.65 -4.57 -11.09
C LYS A 217 8.59 -5.75 -11.03
N PRO A 218 9.09 -6.12 -9.85
CA PRO A 218 10.08 -7.21 -9.77
C PRO A 218 9.46 -8.53 -10.23
N LEU A 219 10.25 -9.30 -10.99
CA LEU A 219 9.84 -10.61 -11.49
C LEU A 219 8.64 -10.54 -12.44
N SER A 220 8.34 -9.38 -13.02
CA SER A 220 7.17 -9.28 -13.91
C SER A 220 7.32 -10.18 -15.14
N ALA A 221 8.54 -10.48 -15.55
CA ALA A 221 8.75 -11.38 -16.69
C ALA A 221 8.50 -12.85 -16.35
N LEU A 222 8.27 -13.18 -15.08
CA LEU A 222 8.01 -14.56 -14.66
C LEU A 222 6.51 -14.78 -14.50
N ASP A 223 6.01 -15.86 -15.10
CA ASP A 223 4.63 -16.27 -14.86
C ASP A 223 4.51 -16.91 -13.47
N SER A 224 3.28 -17.19 -13.07
CA SER A 224 3.03 -17.64 -11.70
C SER A 224 3.82 -18.89 -11.35
N GLN A 225 3.97 -19.82 -12.31
CA GLN A 225 4.72 -21.04 -12.03
C GLN A 225 6.19 -20.73 -11.75
N ARG A 226 6.79 -19.84 -12.54
CA ARG A 226 8.19 -19.51 -12.33
C ARG A 226 8.38 -18.69 -11.05
N LYS A 227 7.38 -17.88 -10.68
CA LYS A 227 7.46 -17.15 -9.41
C LYS A 227 7.47 -18.10 -8.22
N LEU A 228 6.65 -19.16 -8.29
CA LEU A 228 6.71 -20.20 -7.26
C LEU A 228 8.09 -20.84 -7.17
N GLN A 229 8.67 -21.20 -8.32
CA GLN A 229 9.99 -21.84 -8.31
C GLN A 229 11.08 -20.86 -7.88
N PHE A 230 10.88 -19.57 -8.12
CA PHE A 230 11.80 -18.55 -7.61
C PHE A 230 11.93 -18.66 -6.09
N TYR A 231 10.80 -18.80 -5.39
CA TYR A 231 10.83 -18.99 -3.95
C TYR A 231 11.38 -20.37 -3.58
N GLU A 232 11.00 -21.42 -4.31
CA GLU A 232 11.52 -22.75 -4.00
C GLU A 232 13.03 -22.79 -4.11
N ASP A 233 13.58 -22.10 -5.09
CA ASP A 233 15.03 -22.03 -5.23
C ASP A 233 15.67 -20.97 -4.34
N ARG A 234 14.88 -20.27 -3.53
CA ARG A 234 15.38 -19.29 -2.57
C ARG A 234 16.21 -18.20 -3.24
N HIS A 235 15.74 -17.70 -4.37
CA HIS A 235 16.40 -16.58 -5.01
C HIS A 235 16.04 -15.28 -4.30
N GLN A 236 16.89 -14.26 -4.47
CA GLN A 236 16.64 -12.90 -4.08
C GLN A 236 16.45 -12.03 -5.31
N LEU A 237 15.94 -10.83 -5.10
CA LEU A 237 15.79 -9.91 -6.22
C LEU A 237 17.14 -9.35 -6.65
N PRO A 238 17.29 -9.02 -7.93
CA PRO A 238 18.53 -8.36 -8.36
C PRO A 238 18.63 -6.99 -7.72
N ALA A 239 19.87 -6.56 -7.47
CA ALA A 239 20.06 -5.21 -6.95
C ALA A 239 19.57 -4.20 -7.99
N PRO A 240 18.84 -3.16 -7.58
CA PRO A 240 18.50 -2.10 -8.54
C PRO A 240 19.76 -1.39 -9.04
N LYS A 241 19.64 -0.77 -10.22
CA LYS A 241 20.78 -0.07 -10.82
C LYS A 241 21.40 0.91 -9.84
N ALA A 242 20.58 1.82 -9.32
CA ALA A 242 20.92 2.63 -8.15
C ALA A 242 20.76 1.74 -6.94
N ALA A 243 21.86 1.14 -6.49
CA ALA A 243 21.81 0.03 -5.54
C ALA A 243 22.00 0.46 -4.08
N GLU A 244 21.81 1.74 -3.77
CA GLU A 244 22.15 2.23 -2.43
C GLU A 244 21.34 1.53 -1.35
N LEU A 245 20.14 1.07 -1.67
CA LEU A 245 19.28 0.38 -0.70
C LEU A 245 19.28 -1.14 -0.88
N ALA A 246 20.15 -1.68 -1.72
CA ALA A 246 20.06 -3.10 -2.07
C ALA A 246 20.28 -3.99 -0.85
N ASN A 247 21.25 -3.65 0.00
CA ASN A 247 21.50 -4.48 1.18
C ASN A 247 20.29 -4.49 2.10
N LEU A 248 19.66 -3.32 2.30
CA LEU A 248 18.47 -3.27 3.13
C LEU A 248 17.35 -4.10 2.52
N ILE A 249 17.17 -4.02 1.20
CA ILE A 249 16.16 -4.82 0.52
C ILE A 249 16.38 -6.31 0.82
N ASN A 250 17.61 -6.78 0.65
CA ASN A 250 17.86 -8.20 0.84
C ASN A 250 17.74 -8.59 2.31
N ASN A 251 18.19 -7.71 3.22
CA ASN A 251 18.03 -7.99 4.64
C ASN A 251 16.57 -8.11 5.04
N CYS A 252 15.69 -7.29 4.44
CA CYS A 252 14.26 -7.37 4.75
C CYS A 252 13.64 -8.61 4.14
N MET A 253 14.02 -8.91 2.89
CA MET A 253 13.51 -10.08 2.18
C MET A 253 14.29 -11.33 2.59
N ASP A 254 14.22 -11.63 3.89
CA ASP A 254 14.93 -12.79 4.44
C ASP A 254 13.98 -13.98 4.44
N TYR A 255 14.42 -15.11 3.85
CA TYR A 255 13.51 -16.27 3.84
C TYR A 255 13.19 -16.79 5.24
N GLU A 256 13.98 -16.44 6.25
CA GLU A 256 13.63 -16.78 7.63
C GLU A 256 12.84 -15.61 8.25
N PRO A 257 11.53 -15.75 8.48
CA PRO A 257 10.74 -14.61 8.97
C PRO A 257 11.24 -14.04 10.30
N ASP A 258 11.68 -14.88 11.22
CA ASP A 258 12.19 -14.39 12.50
C ASP A 258 13.48 -13.59 12.35
N HIS A 259 14.16 -13.67 11.22
CA HIS A 259 15.41 -12.94 11.09
C HIS A 259 15.23 -11.55 10.48
N ARG A 260 14.02 -11.22 10.02
CA ARG A 260 13.82 -9.93 9.39
C ARG A 260 13.93 -8.84 10.44
N PRO A 261 14.63 -7.75 10.15
CA PRO A 261 14.89 -6.73 11.19
C PRO A 261 13.62 -5.97 11.55
N SER A 262 13.57 -5.51 12.81
CA SER A 262 12.45 -4.67 13.23
C SER A 262 12.48 -3.37 12.45
N PHE A 263 11.34 -2.68 12.42
CA PHE A 263 11.35 -1.41 11.72
C PHE A 263 12.20 -0.36 12.45
N ARG A 264 12.37 -0.49 13.76
CA ARG A 264 13.30 0.39 14.46
C ARG A 264 14.71 0.24 13.90
N ALA A 265 15.15 -1.00 13.72
CA ALA A 265 16.47 -1.24 13.13
C ALA A 265 16.53 -0.76 11.69
N ILE A 266 15.47 -1.04 10.92
CA ILE A 266 15.36 -0.54 9.54
C ILE A 266 15.54 0.97 9.52
N ILE A 267 14.85 1.68 10.42
CA ILE A 267 14.97 3.15 10.43
C ILE A 267 16.40 3.57 10.77
N ARG A 268 17.02 2.89 11.73
CA ARG A 268 18.41 3.21 12.04
C ARG A 268 19.30 2.99 10.83
N ASP A 269 19.07 1.91 10.07
CA ASP A 269 19.84 1.66 8.85
C ASP A 269 19.64 2.79 7.85
N LEU A 270 18.38 3.18 7.60
CA LEU A 270 18.10 4.25 6.66
C LEU A 270 18.80 5.55 7.09
N ASN A 271 18.72 5.87 8.38
CA ASN A 271 19.34 7.10 8.88
C ASN A 271 20.86 7.10 8.75
N SER A 272 21.49 5.93 8.60
CA SER A 272 22.95 5.92 8.43
C SER A 272 23.38 6.25 7.01
N LEU A 273 22.47 6.13 6.03
CA LEU A 273 22.80 6.40 4.63
C LEU A 273 22.73 7.89 4.31
#